data_6FS4
#
_entry.id   6FS4
#
_entity_poly.entity_id   1
_entity_poly.type   'polypeptide(L)'
_entity_poly.pdbx_seq_one_letter_code
;TKLTEEEKNRLNFLKKISQRYQKFALPQYLK
;
_entity_poly.pdbx_strand_id   A
#
# COMPACT_ATOMS: atom_id res chain seq x y z
N THR A 1 -15.85 -9.68 -9.50
CA THR A 1 -16.40 -8.87 -8.43
C THR A 1 -15.92 -7.42 -8.53
N LYS A 2 -16.47 -6.56 -7.67
CA LYS A 2 -16.09 -5.15 -7.67
C LYS A 2 -15.35 -4.80 -6.38
N LEU A 3 -15.58 -5.59 -5.34
CA LEU A 3 -14.93 -5.36 -4.05
C LEU A 3 -13.63 -6.15 -3.94
N THR A 4 -13.71 -7.45 -4.18
CA THR A 4 -12.53 -8.32 -4.11
C THR A 4 -11.40 -7.77 -4.97
N GLU A 5 -11.70 -7.44 -6.23
CA GLU A 5 -10.70 -6.91 -7.14
C GLU A 5 -10.03 -5.68 -6.54
N GLU A 6 -10.82 -4.66 -6.25
CA GLU A 6 -10.30 -3.42 -5.68
C GLU A 6 -9.44 -3.71 -4.45
N GLU A 7 -10.03 -4.40 -3.48
CA GLU A 7 -9.32 -4.74 -2.25
C GLU A 7 -8.01 -5.45 -2.55
N LYS A 8 -8.04 -6.30 -3.58
CA LYS A 8 -6.85 -7.06 -3.98
C LYS A 8 -5.84 -6.15 -4.67
N ASN A 9 -6.33 -5.07 -5.29
CA ASN A 9 -5.47 -4.14 -5.98
C ASN A 9 -4.72 -3.25 -4.99
N ARG A 10 -5.41 -2.81 -3.96
CA ARG A 10 -4.81 -1.95 -2.93
C ARG A 10 -3.53 -2.58 -2.39
N LEU A 11 -3.55 -3.90 -2.23
CA LEU A 11 -2.39 -4.63 -1.72
C LEU A 11 -1.21 -4.53 -2.69
N ASN A 12 -1.53 -4.45 -3.97
CA ASN A 12 -0.50 -4.35 -5.01
C ASN A 12 -0.03 -2.91 -5.18
N PHE A 13 -0.98 -1.98 -5.17
CA PHE A 13 -0.67 -0.57 -5.32
C PHE A 13 0.17 -0.06 -4.14
N LEU A 14 -0.21 -0.46 -2.94
CA LEU A 14 0.50 -0.05 -1.73
C LEU A 14 1.93 -0.59 -1.74
N LYS A 15 2.08 -1.88 -2.05
CA LYS A 15 3.39 -2.51 -2.10
C LYS A 15 4.20 -2.01 -3.29
N LYS A 16 3.49 -1.58 -4.33
CA LYS A 16 4.13 -1.07 -5.54
C LYS A 16 4.69 0.33 -5.31
N ILE A 17 3.95 1.14 -4.56
CA ILE A 17 4.36 2.50 -4.27
C ILE A 17 5.27 2.55 -3.05
N SER A 18 5.13 1.56 -2.17
CA SER A 18 5.94 1.49 -0.96
C SER A 18 7.42 1.48 -1.30
N GLN A 19 7.76 0.90 -2.44
CA GLN A 19 9.15 0.83 -2.88
C GLN A 19 9.77 2.22 -2.94
N ARG A 20 8.99 3.19 -3.41
CA ARG A 20 9.47 4.56 -3.51
C ARG A 20 9.09 5.37 -2.28
N TYR A 21 7.96 5.01 -1.68
CA TYR A 21 7.47 5.71 -0.49
C TYR A 21 7.96 5.02 0.78
N GLN A 22 9.22 5.24 1.13
CA GLN A 22 9.80 4.65 2.32
C GLN A 22 10.65 5.65 3.07
N LYS A 23 10.58 6.92 2.65
CA LYS A 23 11.35 7.98 3.29
C LYS A 23 10.42 9.11 3.74
N PHE A 24 9.30 9.27 3.04
CA PHE A 24 8.34 10.32 3.36
C PHE A 24 8.01 10.31 4.85
N ALA A 25 7.98 9.11 5.44
CA ALA A 25 7.67 8.97 6.85
C ALA A 25 7.68 7.49 7.26
N LEU A 26 7.10 6.64 6.42
CA LEU A 26 7.05 5.21 6.70
C LEU A 26 6.26 4.93 7.97
N PRO A 27 4.93 4.94 7.87
CA PRO A 27 4.04 4.69 8.99
C PRO A 27 4.08 3.24 9.46
N GLN A 28 4.80 2.41 8.72
CA GLN A 28 4.93 1.00 9.05
C GLN A 28 5.26 0.81 10.53
N TYR A 29 6.48 1.18 10.91
CA TYR A 29 6.92 1.05 12.29
C TYR A 29 5.93 1.71 13.25
N LEU A 30 6.03 1.37 14.52
CA LEU A 30 5.15 1.93 15.54
C LEU A 30 5.14 3.46 15.48
N LYS A 31 4.13 4.06 16.09
CA LYS A 31 4.01 5.52 16.12
C LYS A 31 3.77 6.02 17.54
N THR A 1 -18.68 -10.35 -9.64
CA THR A 1 -17.88 -9.71 -8.62
C THR A 1 -17.34 -8.36 -9.11
N LYS A 2 -16.61 -7.68 -8.24
CA LYS A 2 -16.03 -6.38 -8.59
C LYS A 2 -15.24 -5.81 -7.42
N LEU A 3 -15.70 -6.08 -6.20
CA LEU A 3 -15.04 -5.59 -5.01
C LEU A 3 -13.65 -6.21 -4.87
N THR A 4 -13.57 -7.53 -4.96
CA THR A 4 -12.31 -8.24 -4.85
C THR A 4 -11.26 -7.64 -5.78
N GLU A 5 -11.68 -7.27 -6.98
CA GLU A 5 -10.78 -6.69 -7.96
C GLU A 5 -10.11 -5.43 -7.41
N GLU A 6 -10.94 -4.48 -6.95
CA GLU A 6 -10.42 -3.23 -6.39
C GLU A 6 -9.65 -3.49 -5.11
N GLU A 7 -10.28 -4.19 -4.17
CA GLU A 7 -9.66 -4.50 -2.90
C GLU A 7 -8.29 -5.16 -3.10
N LYS A 8 -8.22 -6.04 -4.10
CA LYS A 8 -6.97 -6.73 -4.41
C LYS A 8 -5.93 -5.77 -4.96
N ASN A 9 -6.37 -4.76 -5.68
CA ASN A 9 -5.48 -3.77 -6.26
C ASN A 9 -4.81 -2.94 -5.17
N ARG A 10 -5.59 -2.60 -4.14
CA ARG A 10 -5.07 -1.80 -3.03
C ARG A 10 -3.79 -2.41 -2.47
N LEU A 11 -3.68 -3.73 -2.57
CA LEU A 11 -2.51 -4.44 -2.07
C LEU A 11 -1.33 -4.29 -3.04
N ASN A 12 -1.64 -4.24 -4.33
CA ASN A 12 -0.61 -4.10 -5.36
C ASN A 12 -0.11 -2.66 -5.42
N PHE A 13 -1.04 -1.71 -5.35
CA PHE A 13 -0.70 -0.30 -5.41
C PHE A 13 0.17 0.10 -4.22
N LEU A 14 -0.18 -0.40 -3.04
CA LEU A 14 0.56 -0.10 -1.82
C LEU A 14 1.98 -0.65 -1.90
N LYS A 15 2.10 -1.91 -2.32
CA LYS A 15 3.40 -2.55 -2.43
C LYS A 15 4.18 -1.99 -3.61
N LYS A 16 3.45 -1.42 -4.59
CA LYS A 16 4.08 -0.84 -5.76
C LYS A 16 4.64 0.55 -5.46
N ILE A 17 3.93 1.29 -4.63
CA ILE A 17 4.36 2.64 -4.25
C ILE A 17 5.28 2.60 -3.04
N SER A 18 5.07 1.61 -2.17
CA SER A 18 5.88 1.46 -0.97
C SER A 18 7.37 1.43 -1.31
N GLN A 19 7.68 0.88 -2.48
CA GLN A 19 9.06 0.79 -2.94
C GLN A 19 9.73 2.16 -2.94
N ARG A 20 8.98 3.18 -3.36
CA ARG A 20 9.51 4.53 -3.40
C ARG A 20 9.13 5.31 -2.14
N TYR A 21 8.00 4.96 -1.55
CA TYR A 21 7.54 5.62 -0.34
C TYR A 21 8.00 4.87 0.90
N GLN A 22 9.27 5.06 1.25
CA GLN A 22 9.84 4.40 2.42
C GLN A 22 10.71 5.37 3.23
N LYS A 23 10.67 6.65 2.84
CA LYS A 23 11.44 7.68 3.52
C LYS A 23 10.58 8.90 3.80
N PHE A 24 9.27 8.71 3.84
CA PHE A 24 8.34 9.80 4.10
C PHE A 24 7.85 9.77 5.54
N ALA A 25 7.68 8.57 6.07
CA ALA A 25 7.21 8.39 7.44
C ALA A 25 7.10 6.91 7.80
N LEU A 26 6.70 6.10 6.82
CA LEU A 26 6.55 4.67 7.04
C LEU A 26 5.63 4.38 8.22
N PRO A 27 4.33 4.67 8.04
CA PRO A 27 3.32 4.45 9.08
C PRO A 27 3.06 2.97 9.34
N GLN A 28 3.97 2.34 10.07
CA GLN A 28 3.83 0.92 10.39
C GLN A 28 4.76 0.52 11.54
N TYR A 29 4.77 1.35 12.58
CA TYR A 29 5.61 1.09 13.74
C TYR A 29 5.32 2.08 14.87
N LEU A 30 5.03 3.32 14.48
CA LEU A 30 4.72 4.37 15.45
C LEU A 30 5.89 4.58 16.41
N LYS A 31 6.72 5.58 16.12
CA LYS A 31 7.87 5.89 16.95
C LYS A 31 8.78 4.68 17.10
N THR A 1 -19.88 -8.82 -9.06
CA THR A 1 -18.72 -8.62 -8.20
C THR A 1 -17.78 -7.57 -8.77
N LYS A 2 -16.96 -6.98 -7.91
CA LYS A 2 -16.02 -5.96 -8.33
C LYS A 2 -15.19 -5.45 -7.14
N LEU A 3 -15.82 -5.40 -5.98
CA LEU A 3 -15.15 -4.94 -4.77
C LEU A 3 -13.88 -5.75 -4.51
N THR A 4 -13.97 -7.07 -4.68
CA THR A 4 -12.83 -7.94 -4.47
C THR A 4 -11.62 -7.48 -5.27
N GLU A 5 -11.83 -7.21 -6.56
CA GLU A 5 -10.75 -6.76 -7.43
C GLU A 5 -10.11 -5.50 -6.88
N GLU A 6 -10.90 -4.43 -6.76
CA GLU A 6 -10.40 -3.17 -6.24
C GLU A 6 -9.69 -3.36 -4.91
N GLU A 7 -10.39 -3.95 -3.95
CA GLU A 7 -9.82 -4.19 -2.63
C GLU A 7 -8.50 -4.97 -2.73
N LYS A 8 -8.44 -5.90 -3.68
CA LYS A 8 -7.25 -6.71 -3.89
C LYS A 8 -6.15 -5.88 -4.54
N ASN A 9 -6.55 -4.86 -5.30
CA ASN A 9 -5.59 -4.00 -5.98
C ASN A 9 -4.91 -3.05 -5.00
N ARG A 10 -5.70 -2.49 -4.09
CA ARG A 10 -5.18 -1.57 -3.08
C ARG A 10 -3.98 -2.17 -2.36
N LEU A 11 -4.05 -3.47 -2.08
CA LEU A 11 -2.98 -4.17 -1.40
C LEU A 11 -1.70 -4.19 -2.25
N ASN A 12 -1.89 -4.21 -3.56
CA ASN A 12 -0.75 -4.22 -4.49
C ASN A 12 -0.23 -2.81 -4.73
N PHE A 13 -1.15 -1.87 -4.88
CA PHE A 13 -0.77 -0.47 -5.12
C PHE A 13 -0.07 0.11 -3.90
N LEU A 14 -0.59 -0.17 -2.72
CA LEU A 14 0.00 0.33 -1.48
C LEU A 14 1.38 -0.26 -1.26
N LYS A 15 1.52 -1.56 -1.51
CA LYS A 15 2.80 -2.25 -1.34
C LYS A 15 3.76 -1.88 -2.46
N LYS A 16 3.21 -1.51 -3.61
CA LYS A 16 4.02 -1.14 -4.76
C LYS A 16 4.58 0.27 -4.59
N ILE A 17 3.83 1.13 -3.92
CA ILE A 17 4.26 2.50 -3.69
C ILE A 17 5.01 2.64 -2.38
N SER A 18 4.65 1.79 -1.41
CA SER A 18 5.28 1.80 -0.10
C SER A 18 6.78 1.55 -0.22
N GLN A 19 7.18 0.91 -1.31
CA GLN A 19 8.59 0.59 -1.55
C GLN A 19 9.40 1.87 -1.70
N ARG A 20 8.76 2.94 -2.16
CA ARG A 20 9.43 4.21 -2.36
C ARG A 20 8.92 5.25 -1.35
N TYR A 21 7.67 5.12 -0.94
CA TYR A 21 7.07 6.04 0.01
C TYR A 21 7.31 5.57 1.44
N GLN A 22 8.58 5.48 1.82
CA GLN A 22 8.95 5.04 3.15
C GLN A 22 9.87 6.06 3.83
N LYS A 23 10.17 7.14 3.11
CA LYS A 23 11.03 8.19 3.64
C LYS A 23 10.32 9.54 3.61
N PHE A 24 9.13 9.58 3.01
CA PHE A 24 8.35 10.80 2.91
C PHE A 24 7.88 11.25 4.29
N ALA A 25 7.64 10.28 5.17
CA ALA A 25 7.18 10.58 6.53
C ALA A 25 7.02 9.30 7.35
N LEU A 26 6.54 8.25 6.69
CA LEU A 26 6.34 6.97 7.36
C LEU A 26 5.52 7.14 8.63
N PRO A 27 4.21 7.33 8.47
CA PRO A 27 3.29 7.51 9.61
C PRO A 27 3.10 6.24 10.41
N GLN A 28 3.38 5.09 9.78
CA GLN A 28 3.24 3.80 10.43
C GLN A 28 4.27 3.65 11.55
N TYR A 29 5.50 4.08 11.27
CA TYR A 29 6.57 3.98 12.23
C TYR A 29 6.87 2.52 12.59
N LEU A 30 6.09 1.98 13.53
CA LEU A 30 6.27 0.59 13.95
C LEU A 30 5.63 -0.37 12.95
N LYS A 31 5.90 -1.65 13.12
CA LYS A 31 5.36 -2.68 12.24
C LYS A 31 4.37 -3.56 12.98
N THR A 1 -17.82 -8.41 -8.76
CA THR A 1 -18.39 -7.92 -7.52
C THR A 1 -18.02 -6.47 -7.27
N LYS A 2 -17.09 -5.96 -8.07
CA LYS A 2 -16.64 -4.58 -7.94
C LYS A 2 -16.23 -4.28 -6.50
N LEU A 3 -15.48 -5.18 -5.90
CA LEU A 3 -15.02 -5.01 -4.53
C LEU A 3 -13.77 -5.85 -4.25
N THR A 4 -13.90 -7.16 -4.45
CA THR A 4 -12.79 -8.08 -4.22
C THR A 4 -11.54 -7.61 -4.96
N GLU A 5 -11.68 -7.41 -6.27
CA GLU A 5 -10.56 -6.96 -7.09
C GLU A 5 -9.90 -5.73 -6.49
N GLU A 6 -10.69 -4.68 -6.29
CA GLU A 6 -10.17 -3.43 -5.73
C GLU A 6 -9.42 -3.70 -4.43
N GLU A 7 -10.09 -4.33 -3.48
CA GLU A 7 -9.49 -4.64 -2.18
C GLU A 7 -8.17 -5.37 -2.36
N LYS A 8 -8.06 -6.13 -3.44
CA LYS A 8 -6.85 -6.89 -3.74
C LYS A 8 -5.80 -5.99 -4.38
N ASN A 9 -6.26 -5.02 -5.17
CA ASN A 9 -5.37 -4.10 -5.85
C ASN A 9 -4.72 -3.14 -4.85
N ARG A 10 -5.51 -2.65 -3.91
CA ARG A 10 -5.02 -1.72 -2.90
C ARG A 10 -3.77 -2.27 -2.22
N LEU A 11 -3.68 -3.59 -2.13
CA LEU A 11 -2.54 -4.25 -1.50
C LEU A 11 -1.33 -4.25 -2.44
N ASN A 12 -1.60 -4.38 -3.74
CA ASN A 12 -0.53 -4.39 -4.74
C ASN A 12 -0.02 -2.98 -5.00
N PHE A 13 -0.93 -2.01 -4.92
CA PHE A 13 -0.57 -0.61 -5.15
C PHE A 13 0.22 -0.04 -3.97
N LEU A 14 -0.16 -0.46 -2.77
CA LEU A 14 0.50 0.01 -1.55
C LEU A 14 1.94 -0.50 -1.50
N LYS A 15 2.12 -1.78 -1.76
CA LYS A 15 3.44 -2.40 -1.74
C LYS A 15 4.26 -1.96 -2.95
N LYS A 16 3.57 -1.61 -4.03
CA LYS A 16 4.23 -1.17 -5.25
C LYS A 16 4.78 0.24 -5.09
N ILE A 17 4.08 1.05 -4.30
CA ILE A 17 4.50 2.44 -4.07
C ILE A 17 5.34 2.55 -2.80
N SER A 18 5.06 1.69 -1.82
CA SER A 18 5.80 1.70 -0.57
C SER A 18 7.30 1.50 -0.81
N GLN A 19 7.63 0.86 -1.92
CA GLN A 19 9.02 0.61 -2.28
C GLN A 19 9.78 1.92 -2.43
N ARG A 20 9.12 2.93 -2.97
CA ARG A 20 9.73 4.24 -3.17
C ARG A 20 9.31 5.21 -2.07
N TYR A 21 8.10 5.03 -1.56
CA TYR A 21 7.58 5.90 -0.51
C TYR A 21 7.94 5.36 0.87
N GLN A 22 9.21 5.54 1.25
CA GLN A 22 9.70 5.08 2.54
C GLN A 22 10.58 6.13 3.20
N LYS A 23 10.62 7.32 2.60
CA LYS A 23 11.43 8.41 3.13
C LYS A 23 10.62 9.70 3.21
N PHE A 24 9.29 9.56 3.14
CA PHE A 24 8.40 10.72 3.20
C PHE A 24 7.89 10.92 4.62
N ALA A 25 7.75 9.83 5.36
CA ALA A 25 7.27 9.90 6.74
C ALA A 25 7.24 8.51 7.37
N LEU A 26 6.93 7.50 6.57
CA LEU A 26 6.89 6.12 7.05
C LEU A 26 6.05 6.02 8.33
N PRO A 27 4.72 6.08 8.18
CA PRO A 27 3.79 6.00 9.31
C PRO A 27 3.76 4.61 9.94
N GLN A 28 4.38 3.65 9.27
CA GLN A 28 4.44 2.28 9.76
C GLN A 28 5.61 2.08 10.71
N TYR A 29 5.72 2.96 11.70
CA TYR A 29 6.81 2.88 12.67
C TYR A 29 6.37 2.11 13.91
N LEU A 30 5.56 2.76 14.75
CA LEU A 30 5.07 2.14 15.97
C LEU A 30 3.54 2.09 15.99
N LYS A 31 2.98 1.27 16.86
CA LYS A 31 1.53 1.14 16.98
C LYS A 31 1.06 1.61 18.35
N THR A 1 -18.12 -8.42 -7.66
CA THR A 1 -18.43 -8.04 -6.29
C THR A 1 -17.99 -6.61 -6.00
N LYS A 2 -17.25 -6.02 -6.93
CA LYS A 2 -16.77 -4.65 -6.77
C LYS A 2 -16.07 -4.46 -5.42
N LEU A 3 -15.22 -5.41 -5.07
CA LEU A 3 -14.49 -5.35 -3.80
C LEU A 3 -13.23 -6.20 -3.87
N THR A 4 -13.38 -7.46 -4.30
CA THR A 4 -12.25 -8.37 -4.41
C THR A 4 -11.16 -7.79 -5.30
N GLU A 5 -11.54 -7.40 -6.51
CA GLU A 5 -10.59 -6.83 -7.46
C GLU A 5 -9.88 -5.62 -6.86
N GLU A 6 -10.65 -4.58 -6.55
CA GLU A 6 -10.08 -3.36 -5.97
C GLU A 6 -9.19 -3.69 -4.79
N GLU A 7 -9.75 -4.40 -3.80
CA GLU A 7 -9.00 -4.77 -2.61
C GLU A 7 -7.70 -5.49 -2.98
N LYS A 8 -7.78 -6.37 -3.97
CA LYS A 8 -6.61 -7.13 -4.42
C LYS A 8 -5.62 -6.21 -5.12
N ASN A 9 -6.10 -5.07 -5.60
CA ASN A 9 -5.25 -4.10 -6.29
C ASN A 9 -4.55 -3.18 -5.29
N ARG A 10 -5.34 -2.55 -4.44
CA ARG A 10 -4.80 -1.65 -3.43
C ARG A 10 -3.67 -2.31 -2.64
N LEU A 11 -3.81 -3.62 -2.43
CA LEU A 11 -2.80 -4.38 -1.70
C LEU A 11 -1.46 -4.34 -2.42
N ASN A 12 -1.49 -4.60 -3.73
CA ASN A 12 -0.27 -4.60 -4.54
C ASN A 12 0.23 -3.19 -4.76
N PHE A 13 -0.70 -2.26 -4.98
CA PHE A 13 -0.36 -0.87 -5.22
C PHE A 13 0.29 -0.25 -3.98
N LEU A 14 -0.26 -0.57 -2.81
CA LEU A 14 0.26 -0.05 -1.56
C LEU A 14 1.63 -0.64 -1.25
N LYS A 15 1.77 -1.95 -1.47
CA LYS A 15 3.03 -2.63 -1.22
C LYS A 15 4.06 -2.30 -2.28
N LYS A 16 3.59 -1.86 -3.45
CA LYS A 16 4.46 -1.50 -4.55
C LYS A 16 5.03 -0.09 -4.35
N ILE A 17 4.22 0.79 -3.76
CA ILE A 17 4.65 2.16 -3.51
C ILE A 17 5.30 2.29 -2.15
N SER A 18 4.86 1.47 -1.20
CA SER A 18 5.41 1.49 0.16
C SER A 18 6.92 1.29 0.14
N GLN A 19 7.41 0.64 -0.92
CA GLN A 19 8.84 0.39 -1.05
C GLN A 19 9.61 1.68 -1.26
N ARG A 20 8.93 2.70 -1.77
CA ARG A 20 9.55 4.00 -2.02
C ARG A 20 9.02 5.04 -1.05
N TYR A 21 7.79 4.85 -0.59
CA TYR A 21 7.16 5.79 0.34
C TYR A 21 7.46 5.39 1.78
N GLN A 22 8.73 5.44 2.16
CA GLN A 22 9.15 5.09 3.51
C GLN A 22 10.14 6.10 4.06
N LYS A 23 10.35 7.18 3.32
CA LYS A 23 11.28 8.22 3.72
C LYS A 23 10.59 9.58 3.75
N PHE A 24 9.59 9.75 2.90
CA PHE A 24 8.85 11.01 2.82
C PHE A 24 8.41 11.46 4.21
N ALA A 25 8.13 10.49 5.08
CA ALA A 25 7.69 10.79 6.44
C ALA A 25 7.47 9.51 7.24
N LEU A 26 6.85 8.52 6.59
CA LEU A 26 6.58 7.24 7.25
C LEU A 26 5.62 7.42 8.42
N PRO A 27 4.34 7.67 8.10
CA PRO A 27 3.29 7.86 9.11
C PRO A 27 2.96 6.57 9.85
N GLN A 28 3.32 5.45 9.26
CA GLN A 28 3.05 4.14 9.86
C GLN A 28 4.35 3.37 10.08
N TYR A 29 5.19 3.87 10.98
CA TYR A 29 6.46 3.22 11.27
C TYR A 29 6.27 1.74 11.57
N LEU A 30 5.64 1.45 12.71
CA LEU A 30 5.39 0.07 13.11
C LEU A 30 4.09 -0.45 12.50
N LYS A 31 4.08 -1.73 12.15
CA LYS A 31 2.89 -2.35 11.56
C LYS A 31 2.20 -3.25 12.57
N THR A 1 -18.46 -9.28 -9.64
CA THR A 1 -17.56 -8.82 -8.59
C THR A 1 -17.53 -7.30 -8.52
N LYS A 2 -16.70 -6.77 -7.63
CA LYS A 2 -16.57 -5.33 -7.47
C LYS A 2 -15.54 -5.00 -6.39
N LEU A 3 -15.48 -5.84 -5.36
CA LEU A 3 -14.55 -5.63 -4.26
C LEU A 3 -13.24 -6.41 -4.49
N THR A 4 -13.38 -7.63 -4.97
CA THR A 4 -12.22 -8.48 -5.24
C THR A 4 -11.22 -7.77 -6.12
N GLU A 5 -11.69 -7.22 -7.23
CA GLU A 5 -10.83 -6.51 -8.17
C GLU A 5 -10.09 -5.37 -7.47
N GLU A 6 -10.85 -4.40 -6.97
CA GLU A 6 -10.26 -3.26 -6.29
C GLU A 6 -9.28 -3.72 -5.21
N GLU A 7 -9.75 -4.56 -4.30
CA GLU A 7 -8.92 -5.07 -3.22
C GLU A 7 -7.64 -5.69 -3.78
N LYS A 8 -7.78 -6.46 -4.85
CA LYS A 8 -6.64 -7.12 -5.47
C LYS A 8 -5.70 -6.09 -6.10
N ASN A 9 -6.23 -4.92 -6.41
CA ASN A 9 -5.44 -3.86 -7.02
C ASN A 9 -4.70 -3.06 -5.95
N ARG A 10 -5.45 -2.54 -4.98
CA ARG A 10 -4.85 -1.75 -3.90
C ARG A 10 -3.70 -2.50 -3.25
N LEU A 11 -3.78 -3.82 -3.25
CA LEU A 11 -2.73 -4.66 -2.67
C LEU A 11 -1.43 -4.52 -3.45
N ASN A 12 -1.52 -4.62 -4.77
CA ASN A 12 -0.35 -4.52 -5.63
C ASN A 12 0.12 -3.06 -5.72
N PHE A 13 -0.82 -2.14 -5.81
CA PHE A 13 -0.51 -0.72 -5.90
C PHE A 13 0.21 -0.24 -4.63
N LEU A 14 -0.28 -0.70 -3.48
CA LEU A 14 0.30 -0.32 -2.20
C LEU A 14 1.71 -0.89 -2.05
N LYS A 15 1.86 -2.17 -2.36
CA LYS A 15 3.16 -2.83 -2.27
C LYS A 15 4.11 -2.32 -3.35
N LYS A 16 3.55 -1.80 -4.44
CA LYS A 16 4.34 -1.27 -5.54
C LYS A 16 4.89 0.11 -5.19
N ILE A 17 4.04 0.95 -4.59
CA ILE A 17 4.45 2.29 -4.20
C ILE A 17 5.21 2.29 -2.90
N SER A 18 4.90 1.33 -2.03
CA SER A 18 5.55 1.22 -0.74
C SER A 18 7.07 1.20 -0.90
N GLN A 19 7.54 0.53 -1.95
CA GLN A 19 8.96 0.43 -2.22
C GLN A 19 9.61 1.82 -2.27
N ARG A 20 8.81 2.82 -2.62
CA ARG A 20 9.29 4.19 -2.71
C ARG A 20 8.85 5.00 -1.50
N TYR A 21 7.60 4.81 -1.08
CA TYR A 21 7.05 5.52 0.07
C TYR A 21 7.53 4.90 1.38
N GLN A 22 8.84 4.97 1.62
CA GLN A 22 9.42 4.42 2.83
C GLN A 22 10.52 5.34 3.37
N LYS A 23 10.59 6.55 2.84
CA LYS A 23 11.59 7.51 3.27
C LYS A 23 10.93 8.82 3.67
N PHE A 24 9.84 9.17 3.00
CA PHE A 24 9.11 10.40 3.30
C PHE A 24 8.84 10.54 4.80
N ALA A 25 8.61 9.39 5.45
CA ALA A 25 8.34 9.38 6.88
C ALA A 25 8.10 7.96 7.37
N LEU A 26 7.50 7.13 6.53
CA LEU A 26 7.21 5.75 6.88
C LEU A 26 6.48 5.67 8.22
N PRO A 27 5.24 6.17 8.24
CA PRO A 27 4.41 6.17 9.45
C PRO A 27 3.96 4.77 9.83
N GLN A 28 4.86 3.99 10.40
CA GLN A 28 4.55 2.62 10.81
C GLN A 28 5.36 2.23 12.05
N TYR A 29 5.90 3.22 12.73
CA TYR A 29 6.70 2.97 13.93
C TYR A 29 6.06 3.62 15.15
N LEU A 30 5.13 4.53 14.91
CA LEU A 30 4.43 5.23 16.00
C LEU A 30 3.61 4.25 16.82
N LYS A 31 4.00 4.05 18.07
CA LYS A 31 3.30 3.14 18.97
C LYS A 31 2.50 3.91 20.01
N THR A 1 -16.36 -10.54 -10.10
CA THR A 1 -16.22 -9.69 -8.92
C THR A 1 -15.79 -8.27 -9.31
N LYS A 2 -16.45 -7.28 -8.73
CA LYS A 2 -16.13 -5.88 -9.01
C LYS A 2 -15.61 -5.18 -7.76
N LEU A 3 -15.95 -5.72 -6.60
CA LEU A 3 -15.51 -5.13 -5.33
C LEU A 3 -14.27 -5.86 -4.80
N THR A 4 -14.23 -7.17 -5.00
CA THR A 4 -13.12 -7.98 -4.55
C THR A 4 -11.83 -7.62 -5.29
N GLU A 5 -11.92 -7.54 -6.62
CA GLU A 5 -10.76 -7.19 -7.44
C GLU A 5 -10.10 -5.92 -6.95
N GLU A 6 -10.91 -4.89 -6.70
CA GLU A 6 -10.40 -3.61 -6.22
C GLU A 6 -9.60 -3.79 -4.94
N GLU A 7 -10.23 -4.36 -3.93
CA GLU A 7 -9.57 -4.60 -2.64
C GLU A 7 -8.25 -5.33 -2.84
N LYS A 8 -8.21 -6.21 -3.82
CA LYS A 8 -7.00 -6.98 -4.12
C LYS A 8 -5.95 -6.10 -4.82
N ASN A 9 -6.42 -5.16 -5.62
CA ASN A 9 -5.53 -4.26 -6.34
C ASN A 9 -4.82 -3.31 -5.38
N ARG A 10 -5.56 -2.79 -4.40
CA ARG A 10 -5.00 -1.88 -3.43
C ARG A 10 -3.74 -2.47 -2.78
N LEU A 11 -3.77 -3.78 -2.53
CA LEU A 11 -2.64 -4.46 -1.93
C LEU A 11 -1.42 -4.44 -2.86
N ASN A 12 -1.68 -4.44 -4.16
CA ASN A 12 -0.61 -4.40 -5.15
C ASN A 12 -0.13 -2.98 -5.39
N PHE A 13 -1.07 -2.05 -5.47
CA PHE A 13 -0.76 -0.64 -5.69
C PHE A 13 0.02 -0.06 -4.51
N LEU A 14 -0.44 -0.39 -3.30
CA LEU A 14 0.20 0.10 -2.09
C LEU A 14 1.60 -0.48 -1.93
N LYS A 15 1.73 -1.76 -2.25
CA LYS A 15 3.02 -2.45 -2.16
C LYS A 15 3.93 -2.04 -3.30
N LYS A 16 3.34 -1.65 -4.42
CA LYS A 16 4.11 -1.24 -5.59
C LYS A 16 4.67 0.16 -5.41
N ILE A 17 3.95 0.99 -4.64
CA ILE A 17 4.38 2.36 -4.38
C ILE A 17 5.12 2.46 -3.06
N SER A 18 4.85 1.51 -2.16
CA SER A 18 5.50 1.49 -0.86
C SER A 18 7.02 1.45 -0.99
N GLN A 19 7.49 0.73 -2.01
CA GLN A 19 8.93 0.61 -2.24
C GLN A 19 9.59 1.99 -2.30
N ARG A 20 8.94 2.92 -2.99
CA ARG A 20 9.46 4.28 -3.12
C ARG A 20 8.95 5.18 -1.99
N TYR A 21 7.73 4.90 -1.53
CA TYR A 21 7.12 5.68 -0.46
C TYR A 21 7.42 5.05 0.90
N GLN A 22 8.63 5.26 1.39
CA GLN A 22 9.04 4.71 2.69
C GLN A 22 9.83 5.74 3.49
N LYS A 23 9.86 6.97 2.99
CA LYS A 23 10.57 8.05 3.66
C LYS A 23 9.64 9.22 3.98
N PHE A 24 8.58 9.34 3.18
CA PHE A 24 7.61 10.41 3.38
C PHE A 24 7.11 10.44 4.83
N ALA A 25 7.04 9.27 5.45
CA ALA A 25 6.59 9.16 6.83
C ALA A 25 6.59 7.72 7.29
N LEU A 26 6.11 6.82 6.44
CA LEU A 26 6.06 5.40 6.77
C LEU A 26 5.13 5.14 7.96
N PRO A 27 3.82 5.32 7.72
CA PRO A 27 2.80 5.11 8.75
C PRO A 27 2.64 3.64 9.13
N GLN A 28 3.58 3.13 9.92
CA GLN A 28 3.55 1.74 10.34
C GLN A 28 4.45 1.51 11.55
N TYR A 29 4.68 2.58 12.32
CA TYR A 29 5.54 2.50 13.50
C TYR A 29 4.88 1.64 14.58
N LEU A 30 5.58 1.50 15.71
CA LEU A 30 5.07 0.71 16.83
C LEU A 30 4.67 1.61 18.00
N LYS A 31 5.41 2.70 18.17
CA LYS A 31 5.13 3.64 19.25
C LYS A 31 4.15 4.73 18.79
N THR A 1 -17.75 -8.65 -8.46
CA THR A 1 -18.25 -8.35 -7.12
C THR A 1 -17.96 -6.90 -6.74
N LYS A 2 -17.13 -6.23 -7.54
CA LYS A 2 -16.76 -4.84 -7.29
C LYS A 2 -16.26 -4.67 -5.86
N LEU A 3 -15.36 -5.55 -5.44
CA LEU A 3 -14.80 -5.49 -4.10
C LEU A 3 -13.50 -6.29 -4.02
N THR A 4 -13.60 -7.60 -4.29
CA THR A 4 -12.43 -8.47 -4.24
C THR A 4 -11.29 -7.91 -5.08
N GLU A 5 -11.62 -7.44 -6.28
CA GLU A 5 -10.62 -6.87 -7.18
C GLU A 5 -9.95 -5.66 -6.55
N GLU A 6 -10.75 -4.67 -6.20
CA GLU A 6 -10.24 -3.44 -5.59
C GLU A 6 -9.36 -3.77 -4.39
N GLU A 7 -9.94 -4.47 -3.42
CA GLU A 7 -9.20 -4.84 -2.21
C GLU A 7 -7.90 -5.56 -2.56
N LYS A 8 -7.94 -6.37 -3.61
CA LYS A 8 -6.76 -7.11 -4.06
C LYS A 8 -5.76 -6.18 -4.73
N ASN A 9 -6.26 -5.10 -5.30
CA ASN A 9 -5.41 -4.13 -5.98
C ASN A 9 -4.63 -3.28 -4.97
N ARG A 10 -5.32 -2.86 -3.92
CA ARG A 10 -4.69 -2.05 -2.87
C ARG A 10 -3.41 -2.70 -2.37
N LEU A 11 -3.42 -4.03 -2.29
CA LEU A 11 -2.26 -4.78 -1.82
C LEU A 11 -1.10 -4.65 -2.80
N ASN A 12 -1.42 -4.53 -4.08
CA ASN A 12 -0.40 -4.40 -5.11
C ASN A 12 0.07 -2.94 -5.23
N PHE A 13 -0.88 -2.03 -5.27
CA PHE A 13 -0.57 -0.60 -5.37
C PHE A 13 0.26 -0.13 -4.17
N LEU A 14 -0.17 -0.53 -2.98
CA LEU A 14 0.53 -0.15 -1.76
C LEU A 14 1.97 -0.67 -1.77
N LYS A 15 2.13 -1.94 -2.10
CA LYS A 15 3.44 -2.56 -2.15
C LYS A 15 4.26 -2.00 -3.31
N LYS A 16 3.57 -1.54 -4.35
CA LYS A 16 4.24 -0.97 -5.52
C LYS A 16 4.76 0.43 -5.22
N ILE A 17 3.96 1.23 -4.53
CA ILE A 17 4.33 2.59 -4.18
C ILE A 17 5.22 2.61 -2.94
N SER A 18 5.06 1.60 -2.09
CA SER A 18 5.85 1.51 -0.87
C SER A 18 7.34 1.49 -1.18
N GLN A 19 7.70 0.84 -2.30
CA GLN A 19 9.09 0.75 -2.71
C GLN A 19 9.75 2.12 -2.73
N ARG A 20 8.95 3.15 -2.99
CA ARG A 20 9.46 4.51 -3.04
C ARG A 20 9.09 5.28 -1.77
N TYR A 21 7.86 5.10 -1.31
CA TYR A 21 7.40 5.77 -0.10
C TYR A 21 7.92 5.07 1.15
N GLN A 22 9.23 5.19 1.38
CA GLN A 22 9.87 4.59 2.54
C GLN A 22 11.02 5.44 3.04
N LYS A 23 11.06 6.69 2.59
CA LYS A 23 12.12 7.62 2.99
C LYS A 23 11.53 8.95 3.44
N PHE A 24 10.49 9.39 2.74
CA PHE A 24 9.83 10.64 3.06
C PHE A 24 9.57 10.76 4.56
N ALA A 25 9.25 9.62 5.18
CA ALA A 25 8.98 9.60 6.62
C ALA A 25 8.63 8.19 7.08
N LEU A 26 7.98 7.42 6.20
CA LEU A 26 7.60 6.06 6.53
C LEU A 26 6.81 6.00 7.83
N PRO A 27 5.55 6.47 7.78
CA PRO A 27 4.67 6.48 8.96
C PRO A 27 4.24 5.08 9.38
N GLN A 28 5.15 4.35 10.01
CA GLN A 28 4.87 3.00 10.46
C GLN A 28 5.73 2.63 11.65
N TYR A 29 5.29 3.02 12.85
CA TYR A 29 6.03 2.73 14.07
C TYR A 29 5.14 2.03 15.09
N LEU A 30 3.91 2.51 15.21
CA LEU A 30 2.95 1.92 16.14
C LEU A 30 2.27 0.70 15.54
N LYS A 31 1.82 0.84 14.29
CA LYS A 31 1.16 -0.25 13.60
C LYS A 31 -0.14 -0.63 14.31
N THR A 1 -19.04 -8.85 -8.91
CA THR A 1 -18.04 -8.49 -7.90
C THR A 1 -17.24 -7.26 -8.35
N LYS A 2 -16.51 -6.67 -7.41
CA LYS A 2 -15.70 -5.50 -7.70
C LYS A 2 -14.95 -5.03 -6.45
N LEU A 3 -15.59 -5.19 -5.29
CA LEU A 3 -14.98 -4.78 -4.03
C LEU A 3 -13.74 -5.61 -3.75
N THR A 4 -13.83 -6.91 -3.94
CA THR A 4 -12.70 -7.81 -3.70
C THR A 4 -11.49 -7.40 -4.54
N GLU A 5 -11.72 -7.24 -5.84
CA GLU A 5 -10.64 -6.86 -6.75
C GLU A 5 -9.96 -5.58 -6.28
N GLU A 6 -10.74 -4.50 -6.19
CA GLU A 6 -10.21 -3.21 -5.76
C GLU A 6 -9.46 -3.35 -4.44
N GLU A 7 -10.14 -3.86 -3.42
CA GLU A 7 -9.54 -4.05 -2.11
C GLU A 7 -8.24 -4.84 -2.21
N LYS A 8 -8.22 -5.82 -3.11
CA LYS A 8 -7.04 -6.65 -3.31
C LYS A 8 -5.95 -5.88 -4.03
N ASN A 9 -6.36 -4.90 -4.83
CA ASN A 9 -5.41 -4.08 -5.59
C ASN A 9 -4.70 -3.09 -4.67
N ARG A 10 -5.45 -2.48 -3.77
CA ARG A 10 -4.90 -1.51 -2.83
C ARG A 10 -3.68 -2.09 -2.11
N LEU A 11 -3.76 -3.37 -1.77
CA LEU A 11 -2.66 -4.04 -1.08
C LEU A 11 -1.42 -4.12 -1.95
N ASN A 12 -1.64 -4.22 -3.26
CA ASN A 12 -0.53 -4.30 -4.21
C ASN A 12 0.00 -2.90 -4.55
N PHE A 13 -0.91 -1.96 -4.72
CA PHE A 13 -0.54 -0.58 -5.04
C PHE A 13 0.23 0.05 -3.89
N LEU A 14 -0.25 -0.17 -2.66
CA LEU A 14 0.38 0.38 -1.47
C LEU A 14 1.76 -0.23 -1.26
N LYS A 15 1.86 -1.54 -1.46
CA LYS A 15 3.12 -2.26 -1.28
C LYS A 15 4.07 -1.97 -2.45
N LYS A 16 3.49 -1.63 -3.60
CA LYS A 16 4.28 -1.34 -4.79
C LYS A 16 4.89 0.06 -4.70
N ILE A 17 4.18 0.98 -4.06
CA ILE A 17 4.66 2.34 -3.90
C ILE A 17 5.43 2.52 -2.60
N SER A 18 5.05 1.74 -1.59
CA SER A 18 5.71 1.80 -0.29
C SER A 18 7.22 1.59 -0.43
N GLN A 19 7.62 0.84 -1.45
CA GLN A 19 9.03 0.58 -1.70
C GLN A 19 9.79 1.87 -1.94
N ARG A 20 9.11 2.87 -2.52
CA ARG A 20 9.73 4.15 -2.80
C ARG A 20 9.27 5.20 -1.80
N TYR A 21 8.07 5.03 -1.26
CA TYR A 21 7.52 5.97 -0.29
C TYR A 21 7.81 5.51 1.13
N GLN A 22 9.06 5.70 1.57
CA GLN A 22 9.47 5.31 2.91
C GLN A 22 10.39 6.36 3.52
N LYS A 23 10.49 7.50 2.86
CA LYS A 23 11.35 8.59 3.33
C LYS A 23 10.57 9.89 3.45
N PHE A 24 9.57 10.06 2.58
CA PHE A 24 8.73 11.25 2.58
C PHE A 24 8.22 11.55 3.99
N ALA A 25 8.00 10.50 4.76
CA ALA A 25 7.51 10.65 6.12
C ALA A 25 7.44 9.30 6.83
N LEU A 26 6.91 8.29 6.14
CA LEU A 26 6.78 6.96 6.71
C LEU A 26 5.98 6.98 8.00
N PRO A 27 4.67 7.25 7.87
CA PRO A 27 3.77 7.31 9.03
C PRO A 27 3.52 5.94 9.63
N GLN A 28 3.97 4.90 8.95
CA GLN A 28 3.80 3.53 9.43
C GLN A 28 4.73 3.24 10.60
N TYR A 29 6.03 3.26 10.33
CA TYR A 29 7.04 3.00 11.37
C TYR A 29 6.91 1.57 11.89
N LEU A 30 5.96 1.36 12.79
CA LEU A 30 5.74 0.04 13.38
C LEU A 30 4.29 -0.40 13.19
N LYS A 31 3.99 -1.62 13.64
CA LYS A 31 2.64 -2.16 13.51
C LYS A 31 1.75 -1.64 14.64
N THR A 1 -14.90 -9.50 -8.96
CA THR A 1 -15.85 -8.65 -8.27
C THR A 1 -15.41 -7.20 -8.30
N LYS A 2 -16.30 -6.30 -7.88
CA LYS A 2 -15.99 -4.87 -7.85
C LYS A 2 -15.28 -4.49 -6.56
N LEU A 3 -15.44 -5.30 -5.53
CA LEU A 3 -14.80 -5.05 -4.24
C LEU A 3 -13.51 -5.85 -4.10
N THR A 4 -13.61 -7.16 -4.28
CA THR A 4 -12.46 -8.04 -4.17
C THR A 4 -11.31 -7.55 -5.06
N GLU A 5 -11.63 -7.26 -6.31
CA GLU A 5 -10.62 -6.78 -7.26
C GLU A 5 -9.92 -5.53 -6.72
N GLU A 6 -10.69 -4.47 -6.52
CA GLU A 6 -10.15 -3.21 -6.02
C GLU A 6 -9.34 -3.45 -4.74
N GLU A 7 -10.00 -4.04 -3.75
CA GLU A 7 -9.34 -4.31 -2.47
C GLU A 7 -8.03 -5.08 -2.69
N LYS A 8 -8.04 -5.99 -3.65
CA LYS A 8 -6.86 -6.79 -3.96
C LYS A 8 -5.80 -5.94 -4.66
N ASN A 9 -6.25 -4.93 -5.39
CA ASN A 9 -5.34 -4.04 -6.10
C ASN A 9 -4.63 -3.10 -5.14
N ARG A 10 -5.38 -2.57 -4.18
CA ARG A 10 -4.81 -1.65 -3.20
C ARG A 10 -3.55 -2.24 -2.57
N LEU A 11 -3.55 -3.55 -2.37
CA LEU A 11 -2.41 -4.23 -1.77
C LEU A 11 -1.23 -4.29 -2.74
N ASN A 12 -1.54 -4.40 -4.03
CA ASN A 12 -0.51 -4.47 -5.06
C ASN A 12 0.02 -3.07 -5.37
N PHE A 13 -0.82 -2.06 -5.18
CA PHE A 13 -0.44 -0.68 -5.45
C PHE A 13 0.37 -0.12 -4.29
N LEU A 14 0.02 -0.52 -3.08
CA LEU A 14 0.72 -0.05 -1.89
C LEU A 14 2.12 -0.66 -1.79
N LYS A 15 2.24 -1.91 -2.23
CA LYS A 15 3.53 -2.60 -2.20
C LYS A 15 4.43 -2.11 -3.33
N LYS A 16 3.82 -1.75 -4.46
CA LYS A 16 4.57 -1.27 -5.61
C LYS A 16 5.10 0.14 -5.36
N ILE A 17 4.41 0.89 -4.51
CA ILE A 17 4.81 2.25 -4.20
C ILE A 17 5.63 2.29 -2.92
N SER A 18 5.32 1.39 -1.98
CA SER A 18 6.05 1.32 -0.72
C SER A 18 7.55 1.20 -0.95
N GLN A 19 7.92 0.64 -2.09
CA GLN A 19 9.32 0.45 -2.43
C GLN A 19 10.05 1.79 -2.47
N ARG A 20 9.37 2.82 -2.95
CA ARG A 20 9.95 4.15 -3.05
C ARG A 20 9.48 5.04 -1.90
N TYR A 21 8.25 4.79 -1.43
CA TYR A 21 7.68 5.56 -0.34
C TYR A 21 8.01 4.94 1.00
N GLN A 22 9.25 5.12 1.45
CA GLN A 22 9.69 4.57 2.73
C GLN A 22 10.53 5.60 3.49
N LYS A 23 10.58 6.82 2.98
CA LYS A 23 11.34 7.89 3.61
C LYS A 23 10.44 9.07 3.93
N PHE A 24 9.35 9.21 3.20
CA PHE A 24 8.41 10.30 3.41
C PHE A 24 8.01 10.40 4.88
N ALA A 25 8.02 9.26 5.57
CA ALA A 25 7.67 9.22 6.98
C ALA A 25 7.78 7.80 7.54
N LEU A 26 7.48 6.82 6.70
CA LEU A 26 7.54 5.42 7.10
C LEU A 26 6.66 5.16 8.32
N PRO A 27 5.34 5.29 8.12
CA PRO A 27 4.36 5.07 9.18
C PRO A 27 4.26 3.61 9.58
N GLN A 28 5.25 3.12 10.33
CA GLN A 28 5.26 1.74 10.77
C GLN A 28 5.98 1.61 12.11
N TYR A 29 6.01 2.71 12.87
CA TYR A 29 6.66 2.72 14.17
C TYR A 29 5.65 2.99 15.29
N LEU A 30 4.54 3.62 14.91
CA LEU A 30 3.48 3.94 15.88
C LEU A 30 2.27 3.05 15.66
N LYS A 31 1.87 2.88 14.41
CA LYS A 31 0.72 2.06 14.07
C LYS A 31 -0.56 2.63 14.69
N THR A 1 -18.52 -8.43 -7.95
CA THR A 1 -18.63 -7.74 -6.67
C THR A 1 -17.93 -6.39 -6.72
N LYS A 2 -17.19 -6.14 -7.79
CA LYS A 2 -16.48 -4.88 -7.95
C LYS A 2 -15.83 -4.44 -6.64
N LEU A 3 -15.33 -5.41 -5.88
CA LEU A 3 -14.69 -5.13 -4.60
C LEU A 3 -13.41 -5.94 -4.45
N THR A 4 -13.50 -7.24 -4.72
CA THR A 4 -12.35 -8.13 -4.61
C THR A 4 -11.17 -7.60 -5.41
N GLU A 5 -11.41 -7.30 -6.69
CA GLU A 5 -10.36 -6.79 -7.57
C GLU A 5 -9.70 -5.56 -6.96
N GLU A 6 -10.49 -4.54 -6.69
CA GLU A 6 -9.99 -3.29 -6.12
C GLU A 6 -9.17 -3.58 -4.86
N GLU A 7 -9.80 -4.25 -3.89
CA GLU A 7 -9.14 -4.58 -2.64
C GLU A 7 -7.82 -5.32 -2.90
N LYS A 8 -7.81 -6.17 -3.92
CA LYS A 8 -6.63 -6.93 -4.27
C LYS A 8 -5.59 -6.04 -4.93
N ASN A 9 -6.05 -4.98 -5.58
CA ASN A 9 -5.15 -4.04 -6.25
C ASN A 9 -4.42 -3.15 -5.25
N ARG A 10 -5.16 -2.69 -4.23
CA ARG A 10 -4.58 -1.85 -3.20
C ARG A 10 -3.32 -2.48 -2.61
N LEU A 11 -3.36 -3.80 -2.44
CA LEU A 11 -2.23 -4.52 -1.88
C LEU A 11 -1.01 -4.44 -2.81
N ASN A 12 -1.28 -4.37 -4.11
CA ASN A 12 -0.23 -4.29 -5.11
C ASN A 12 0.27 -2.85 -5.27
N PHE A 13 -0.68 -1.91 -5.30
CA PHE A 13 -0.34 -0.50 -5.45
C PHE A 13 0.46 0.00 -4.26
N LEU A 14 0.02 -0.38 -3.07
CA LEU A 14 0.70 0.03 -1.84
C LEU A 14 2.13 -0.51 -1.80
N LYS A 15 2.29 -1.80 -2.08
CA LYS A 15 3.60 -2.43 -2.08
C LYS A 15 4.44 -1.94 -3.26
N LYS A 16 3.76 -1.53 -4.33
CA LYS A 16 4.44 -1.04 -5.52
C LYS A 16 4.99 0.38 -5.29
N ILE A 17 4.23 1.19 -4.58
CA ILE A 17 4.64 2.55 -4.29
C ILE A 17 5.54 2.61 -3.06
N SER A 18 5.33 1.67 -2.13
CA SER A 18 6.12 1.61 -0.92
C SER A 18 7.60 1.53 -1.23
N GLN A 19 7.92 1.00 -2.41
CA GLN A 19 9.30 0.87 -2.84
C GLN A 19 10.00 2.22 -2.90
N ARG A 20 9.26 3.24 -3.33
CA ARG A 20 9.80 4.59 -3.43
C ARG A 20 9.36 5.45 -2.25
N TYR A 21 8.19 5.13 -1.70
CA TYR A 21 7.66 5.86 -0.56
C TYR A 21 8.09 5.23 0.75
N GLN A 22 9.37 5.41 1.10
CA GLN A 22 9.90 4.84 2.34
C GLN A 22 10.77 5.86 3.07
N LYS A 23 10.76 7.10 2.59
CA LYS A 23 11.54 8.17 3.20
C LYS A 23 10.64 9.33 3.60
N PHE A 24 9.51 9.47 2.93
CA PHE A 24 8.56 10.54 3.22
C PHE A 24 8.24 10.59 4.70
N ALA A 25 8.22 9.42 5.34
CA ALA A 25 7.93 9.33 6.77
C ALA A 25 7.96 7.89 7.24
N LEU A 26 7.37 7.00 6.45
CA LEU A 26 7.34 5.58 6.80
C LEU A 26 6.56 5.35 8.08
N PRO A 27 5.22 5.33 7.96
CA PRO A 27 4.33 5.12 9.11
C PRO A 27 4.40 3.69 9.64
N GLN A 28 5.23 2.86 9.01
CA GLN A 28 5.38 1.48 9.42
C GLN A 28 6.21 1.38 10.70
N TYR A 29 5.67 1.91 11.79
CA TYR A 29 6.35 1.89 13.08
C TYR A 29 5.45 2.42 14.19
N LEU A 30 4.62 3.40 13.85
CA LEU A 30 3.70 3.99 14.82
C LEU A 30 2.63 3.00 15.24
N LYS A 31 1.79 2.61 14.30
CA LYS A 31 0.71 1.65 14.58
C LYS A 31 -0.22 2.18 15.66
N THR A 1 -14.93 -9.89 -11.46
CA THR A 1 -15.75 -9.14 -10.51
C THR A 1 -15.32 -7.67 -10.44
N LYS A 2 -16.22 -6.82 -9.98
CA LYS A 2 -15.93 -5.39 -9.87
C LYS A 2 -15.45 -5.05 -8.47
N LEU A 3 -15.80 -5.89 -7.50
CA LEU A 3 -15.40 -5.68 -6.11
C LEU A 3 -14.11 -6.42 -5.80
N THR A 4 -14.13 -7.74 -5.98
CA THR A 4 -12.96 -8.57 -5.72
C THR A 4 -11.72 -8.02 -6.43
N GLU A 5 -11.88 -7.71 -7.71
CA GLU A 5 -10.78 -7.18 -8.50
C GLU A 5 -10.18 -5.93 -7.85
N GLU A 6 -11.03 -4.92 -7.65
CA GLU A 6 -10.59 -3.68 -7.04
C GLU A 6 -9.86 -3.94 -5.72
N GLU A 7 -10.54 -4.62 -4.80
CA GLU A 7 -9.96 -4.94 -3.50
C GLU A 7 -8.62 -5.64 -3.67
N LYS A 8 -8.53 -6.50 -4.68
CA LYS A 8 -7.30 -7.23 -4.96
C LYS A 8 -6.22 -6.32 -5.54
N ASN A 9 -6.66 -5.27 -6.21
CA ASN A 9 -5.74 -4.31 -6.82
C ASN A 9 -5.10 -3.42 -5.77
N ARG A 10 -5.91 -2.96 -4.82
CA ARG A 10 -5.42 -2.11 -3.75
C ARG A 10 -4.20 -2.71 -3.07
N LEU A 11 -4.23 -4.03 -2.89
CA LEU A 11 -3.12 -4.75 -2.26
C LEU A 11 -1.85 -4.64 -3.10
N ASN A 12 -2.03 -4.57 -4.41
CA ASN A 12 -0.90 -4.46 -5.33
C ASN A 12 -0.44 -3.02 -5.46
N PHE A 13 -1.39 -2.10 -5.53
CA PHE A 13 -1.08 -0.68 -5.65
C PHE A 13 -0.39 -0.16 -4.40
N LEU A 14 -0.91 -0.56 -3.25
CA LEU A 14 -0.35 -0.13 -1.97
C LEU A 14 1.07 -0.66 -1.79
N LYS A 15 1.27 -1.92 -2.14
CA LYS A 15 2.58 -2.55 -2.01
C LYS A 15 3.53 -2.05 -3.11
N LYS A 16 2.96 -1.69 -4.26
CA LYS A 16 3.74 -1.19 -5.37
C LYS A 16 4.30 0.20 -5.06
N ILE A 17 3.55 0.98 -4.31
CA ILE A 17 3.97 2.33 -3.95
C ILE A 17 4.75 2.32 -2.64
N SER A 18 4.47 1.33 -1.79
CA SER A 18 5.15 1.21 -0.50
C SER A 18 6.66 1.24 -0.68
N GLN A 19 7.14 0.54 -1.71
CA GLN A 19 8.58 0.47 -1.99
C GLN A 19 9.16 1.87 -2.10
N ARG A 20 8.32 2.84 -2.47
CA ARG A 20 8.77 4.22 -2.61
C ARG A 20 8.44 5.03 -1.36
N TYR A 21 7.22 4.86 -0.86
CA TYR A 21 6.78 5.59 0.33
C TYR A 21 7.36 4.95 1.59
N GLN A 22 8.68 4.89 1.67
CA GLN A 22 9.35 4.31 2.82
C GLN A 22 10.58 5.13 3.21
N LYS A 23 10.67 6.34 2.66
CA LYS A 23 11.79 7.23 2.96
C LYS A 23 11.28 8.56 3.52
N PHE A 24 10.12 8.98 3.07
CA PHE A 24 9.52 10.24 3.53
C PHE A 24 9.56 10.31 5.06
N ALA A 25 9.44 9.17 5.71
CA ALA A 25 9.44 9.11 7.16
C ALA A 25 9.22 7.69 7.66
N LEU A 26 8.10 7.10 7.25
CA LEU A 26 7.77 5.74 7.66
C LEU A 26 7.53 5.66 9.16
N PRO A 27 6.44 6.31 9.62
CA PRO A 27 6.09 6.33 11.05
C PRO A 27 5.60 4.97 11.54
N GLN A 28 6.53 4.05 11.75
CA GLN A 28 6.19 2.70 12.21
C GLN A 28 7.34 2.12 13.04
N TYR A 29 8.17 2.99 13.58
CA TYR A 29 9.30 2.56 14.40
C TYR A 29 9.17 3.08 15.83
N LEU A 30 8.70 4.31 15.96
CA LEU A 30 8.53 4.93 17.27
C LEU A 30 7.49 4.18 18.10
N LYS A 31 6.55 3.54 17.41
CA LYS A 31 5.50 2.77 18.08
C LYS A 31 5.81 1.29 18.05
N THR A 1 -15.75 -9.04 -9.73
CA THR A 1 -16.34 -8.53 -8.51
C THR A 1 -15.98 -7.06 -8.29
N LYS A 2 -16.79 -6.36 -7.50
CA LYS A 2 -16.56 -4.96 -7.21
C LYS A 2 -15.55 -4.79 -6.07
N LEU A 3 -15.41 -5.83 -5.26
CA LEU A 3 -14.48 -5.81 -4.14
C LEU A 3 -13.19 -6.54 -4.48
N THR A 4 -13.33 -7.72 -5.08
CA THR A 4 -12.19 -8.53 -5.45
C THR A 4 -11.22 -7.74 -6.33
N GLU A 5 -11.75 -7.13 -7.39
CA GLU A 5 -10.95 -6.35 -8.32
C GLU A 5 -10.20 -5.24 -7.58
N GLU A 6 -10.95 -4.31 -6.98
CA GLU A 6 -10.37 -3.21 -6.24
C GLU A 6 -9.33 -3.70 -5.24
N GLU A 7 -9.76 -4.61 -4.36
CA GLU A 7 -8.87 -5.17 -3.35
C GLU A 7 -7.61 -5.73 -3.99
N LYS A 8 -7.77 -6.42 -5.11
CA LYS A 8 -6.64 -7.02 -5.82
C LYS A 8 -5.76 -5.94 -6.42
N ASN A 9 -6.32 -4.76 -6.64
CA ASN A 9 -5.58 -3.64 -7.21
C ASN A 9 -4.80 -2.90 -6.14
N ARG A 10 -5.51 -2.47 -5.10
CA ARG A 10 -4.88 -1.75 -3.99
C ARG A 10 -3.66 -2.50 -3.47
N LEU A 11 -3.72 -3.83 -3.53
CA LEU A 11 -2.62 -4.67 -3.07
C LEU A 11 -1.37 -4.44 -3.91
N ASN A 12 -1.54 -4.46 -5.22
CA ASN A 12 -0.42 -4.25 -6.14
C ASN A 12 0.02 -2.79 -6.15
N PHE A 13 -0.95 -1.88 -6.10
CA PHE A 13 -0.67 -0.45 -6.09
C PHE A 13 0.09 -0.05 -4.83
N LEU A 14 -0.31 -0.62 -3.70
CA LEU A 14 0.33 -0.32 -2.42
C LEU A 14 1.74 -0.90 -2.37
N LYS A 15 1.88 -2.12 -2.84
CA LYS A 15 3.17 -2.80 -2.86
C LYS A 15 4.08 -2.21 -3.94
N LYS A 16 3.47 -1.59 -4.94
CA LYS A 16 4.22 -0.98 -6.03
C LYS A 16 4.77 0.38 -5.62
N ILE A 17 3.99 1.12 -4.84
CA ILE A 17 4.40 2.44 -4.38
C ILE A 17 5.21 2.34 -3.09
N SER A 18 4.88 1.33 -2.28
CA SER A 18 5.58 1.13 -1.00
C SER A 18 7.09 1.11 -1.20
N GLN A 19 7.53 0.45 -2.27
CA GLN A 19 8.95 0.34 -2.58
C GLN A 19 9.60 1.73 -2.59
N ARG A 20 8.82 2.75 -2.91
CA ARG A 20 9.32 4.12 -2.97
C ARG A 20 8.93 4.87 -1.70
N TYR A 21 7.73 4.61 -1.19
CA TYR A 21 7.25 5.28 0.01
C TYR A 21 7.74 4.55 1.27
N GLN A 22 9.05 4.58 1.49
CA GLN A 22 9.65 3.93 2.65
C GLN A 22 10.79 4.76 3.21
N LYS A 23 10.89 6.01 2.75
CA LYS A 23 11.93 6.92 3.21
C LYS A 23 11.34 8.23 3.71
N PHE A 24 10.25 8.65 3.07
CA PHE A 24 9.58 9.90 3.45
C PHE A 24 9.35 9.95 4.95
N ALA A 25 9.07 8.80 5.55
CA ALA A 25 8.82 8.71 6.98
C ALA A 25 8.50 7.28 7.41
N LEU A 26 7.82 6.55 6.53
CA LEU A 26 7.46 5.16 6.81
C LEU A 26 6.76 5.05 8.17
N PRO A 27 5.55 5.61 8.25
CA PRO A 27 4.75 5.59 9.48
C PRO A 27 4.24 4.19 9.80
N GLN A 28 5.10 3.36 10.34
CA GLN A 28 4.73 1.98 10.70
C GLN A 28 5.07 1.69 12.16
N TYR A 29 5.24 2.75 12.95
CA TYR A 29 5.55 2.60 14.36
C TYR A 29 4.90 3.70 15.19
N LEU A 30 5.21 3.72 16.48
CA LEU A 30 4.65 4.72 17.39
C LEU A 30 3.14 4.85 17.19
N LYS A 31 2.51 3.77 16.74
CA LYS A 31 1.07 3.76 16.51
C LYS A 31 0.62 5.05 15.84
N THR A 1 -17.16 -10.27 -10.80
CA THR A 1 -16.13 -9.70 -9.94
C THR A 1 -16.47 -8.28 -9.52
N LYS A 2 -16.11 -7.93 -8.29
CA LYS A 2 -16.38 -6.59 -7.77
C LYS A 2 -15.41 -6.24 -6.64
N LEU A 3 -15.65 -6.83 -5.47
CA LEU A 3 -14.79 -6.58 -4.31
C LEU A 3 -13.35 -7.01 -4.60
N THR A 4 -13.19 -8.24 -5.07
CA THR A 4 -11.86 -8.77 -5.38
C THR A 4 -11.07 -7.79 -6.24
N GLU A 5 -11.75 -7.17 -7.20
CA GLU A 5 -11.11 -6.21 -8.10
C GLU A 5 -10.50 -5.06 -7.31
N GLU A 6 -11.34 -4.34 -6.56
CA GLU A 6 -10.87 -3.22 -5.77
C GLU A 6 -9.79 -3.65 -4.78
N GLU A 7 -10.10 -4.66 -3.98
CA GLU A 7 -9.17 -5.18 -2.99
C GLU A 7 -7.83 -5.54 -3.64
N LYS A 8 -7.90 -6.19 -4.80
CA LYS A 8 -6.71 -6.59 -5.53
C LYS A 8 -5.91 -5.37 -5.98
N ASN A 9 -6.61 -4.26 -6.18
CA ASN A 9 -5.97 -3.02 -6.62
C ASN A 9 -5.24 -2.35 -5.46
N ARG A 10 -5.91 -2.25 -4.31
CA ARG A 10 -5.33 -1.63 -3.14
C ARG A 10 -4.13 -2.44 -2.63
N LEU A 11 -3.99 -3.66 -3.13
CA LEU A 11 -2.89 -4.53 -2.74
C LEU A 11 -1.64 -4.25 -3.57
N ASN A 12 -1.80 -4.24 -4.89
CA ASN A 12 -0.69 -3.97 -5.80
C ASN A 12 -0.27 -2.51 -5.73
N PHE A 13 -1.25 -1.61 -5.68
CA PHE A 13 -0.98 -0.19 -5.61
C PHE A 13 -0.15 0.15 -4.37
N LEU A 14 -0.43 -0.54 -3.28
CA LEU A 14 0.28 -0.32 -2.02
C LEU A 14 1.69 -0.90 -2.09
N LYS A 15 1.80 -2.14 -2.56
CA LYS A 15 3.10 -2.81 -2.67
C LYS A 15 3.93 -2.17 -3.78
N LYS A 16 3.29 -1.37 -4.62
CA LYS A 16 3.97 -0.71 -5.73
C LYS A 16 4.53 0.64 -5.28
N ILE A 17 3.77 1.35 -4.45
CA ILE A 17 4.20 2.65 -3.95
C ILE A 17 5.04 2.51 -2.69
N SER A 18 4.78 1.45 -1.92
CA SER A 18 5.50 1.20 -0.69
C SER A 18 7.01 1.24 -0.93
N GLN A 19 7.44 0.66 -2.04
CA GLN A 19 8.86 0.62 -2.40
C GLN A 19 9.46 2.03 -2.36
N ARG A 20 8.63 3.03 -2.59
CA ARG A 20 9.08 4.42 -2.59
C ARG A 20 8.73 5.10 -1.27
N TYR A 21 7.54 4.79 -0.75
CA TYR A 21 7.08 5.37 0.51
C TYR A 21 7.67 4.63 1.70
N GLN A 22 8.99 4.67 1.82
CA GLN A 22 9.67 3.99 2.92
C GLN A 22 10.81 4.84 3.46
N LYS A 23 10.85 6.11 3.05
CA LYS A 23 11.89 7.03 3.49
C LYS A 23 11.28 8.28 4.10
N PHE A 24 10.15 8.70 3.57
CA PHE A 24 9.46 9.89 4.07
C PHE A 24 9.29 9.83 5.58
N ALA A 25 9.11 8.62 6.11
CA ALA A 25 8.95 8.42 7.54
C ALA A 25 8.73 6.95 7.88
N LEU A 26 8.06 6.23 6.97
CA LEU A 26 7.79 4.81 7.17
C LEU A 26 7.16 4.57 8.54
N PRO A 27 5.93 5.06 8.73
CA PRO A 27 5.20 4.90 9.99
C PRO A 27 4.76 3.46 10.22
N GLN A 28 5.69 2.62 10.65
CA GLN A 28 5.40 1.22 10.91
C GLN A 28 5.91 0.82 12.29
N TYR A 29 6.19 1.80 13.13
CA TYR A 29 6.68 1.54 14.48
C TYR A 29 6.10 2.55 15.47
N LEU A 30 6.12 3.83 15.09
CA LEU A 30 5.60 4.89 15.94
C LEU A 30 4.09 4.76 16.10
N LYS A 31 3.39 4.62 14.99
CA LYS A 31 1.94 4.49 15.01
C LYS A 31 1.52 3.02 14.86
N THR A 1 -18.11 -8.95 -8.91
CA THR A 1 -17.21 -8.57 -7.82
C THR A 1 -16.77 -7.12 -7.97
N LYS A 2 -16.13 -6.60 -6.92
CA LYS A 2 -15.66 -5.23 -6.93
C LYS A 2 -14.96 -4.89 -5.61
N LEU A 3 -15.45 -5.46 -4.52
CA LEU A 3 -14.87 -5.22 -3.20
C LEU A 3 -13.63 -6.08 -2.99
N THR A 4 -13.56 -7.21 -3.68
CA THR A 4 -12.43 -8.10 -3.57
C THR A 4 -11.20 -7.55 -4.29
N GLU A 5 -11.37 -7.22 -5.57
CA GLU A 5 -10.27 -6.67 -6.36
C GLU A 5 -9.63 -5.48 -5.65
N GLU A 6 -10.47 -4.56 -5.17
CA GLU A 6 -9.98 -3.38 -4.48
C GLU A 6 -9.08 -3.77 -3.31
N GLU A 7 -9.63 -4.56 -2.39
CA GLU A 7 -8.88 -5.00 -1.23
C GLU A 7 -7.54 -5.62 -1.64
N LYS A 8 -7.55 -6.32 -2.76
CA LYS A 8 -6.33 -6.96 -3.26
C LYS A 8 -5.38 -5.93 -3.84
N ASN A 9 -5.93 -4.86 -4.39
CA ASN A 9 -5.13 -3.79 -4.99
C ASN A 9 -4.39 -3.00 -3.92
N ARG A 10 -5.07 -2.76 -2.80
CA ARG A 10 -4.48 -2.01 -1.70
C ARG A 10 -3.13 -2.60 -1.30
N LEU A 11 -2.99 -3.92 -1.48
CA LEU A 11 -1.75 -4.60 -1.14
C LEU A 11 -0.68 -4.35 -2.19
N ASN A 12 -1.11 -4.23 -3.44
CA ASN A 12 -0.19 -3.98 -4.54
C ASN A 12 0.26 -2.52 -4.57
N PHE A 13 -0.70 -1.61 -4.38
CA PHE A 13 -0.40 -0.19 -4.38
C PHE A 13 0.57 0.17 -3.25
N LEU A 14 0.35 -0.42 -2.08
CA LEU A 14 1.19 -0.16 -0.93
C LEU A 14 2.62 -0.66 -1.18
N LYS A 15 2.74 -1.90 -1.63
CA LYS A 15 4.04 -2.49 -1.93
C LYS A 15 4.67 -1.84 -3.15
N LYS A 16 3.84 -1.19 -3.97
CA LYS A 16 4.32 -0.53 -5.17
C LYS A 16 4.83 0.86 -4.86
N ILE A 17 4.20 1.52 -3.90
CA ILE A 17 4.59 2.87 -3.49
C ILE A 17 5.63 2.82 -2.37
N SER A 18 5.58 1.75 -1.58
CA SER A 18 6.51 1.59 -0.47
C SER A 18 7.94 1.45 -0.96
N GLN A 19 8.09 1.01 -2.21
CA GLN A 19 9.41 0.82 -2.80
C GLN A 19 10.11 2.16 -2.97
N ARG A 20 9.33 3.23 -3.10
CA ARG A 20 9.90 4.56 -3.27
C ARG A 20 9.69 5.39 -2.01
N TYR A 21 8.57 5.17 -1.33
CA TYR A 21 8.25 5.90 -0.11
C TYR A 21 8.81 5.18 1.11
N GLN A 22 10.11 5.31 1.32
CA GLN A 22 10.77 4.68 2.46
C GLN A 22 11.89 5.57 3.01
N LYS A 23 11.92 6.82 2.55
CA LYS A 23 12.94 7.77 2.99
C LYS A 23 12.30 9.06 3.46
N PHE A 24 11.10 9.35 2.94
CA PHE A 24 10.38 10.56 3.31
C PHE A 24 10.34 10.74 4.82
N ALA A 25 10.11 9.63 5.53
CA ALA A 25 10.05 9.66 6.99
C ALA A 25 9.63 8.30 7.54
N LEU A 26 8.77 7.60 6.80
CA LEU A 26 8.30 6.29 7.22
C LEU A 26 7.86 6.31 8.68
N PRO A 27 6.80 7.07 8.97
CA PRO A 27 6.25 7.20 10.32
C PRO A 27 5.57 5.92 10.79
N GLN A 28 5.53 4.92 9.92
CA GLN A 28 4.91 3.65 10.24
C GLN A 28 3.39 3.79 10.34
N TYR A 29 2.81 4.57 9.44
CA TYR A 29 1.38 4.79 9.43
C TYR A 29 0.62 3.49 9.19
N LEU A 30 1.35 2.48 8.71
CA LEU A 30 0.74 1.17 8.44
C LEU A 30 0.75 0.30 9.69
N LYS A 31 -0.13 -0.69 9.71
CA LYS A 31 -0.23 -1.60 10.84
C LYS A 31 0.32 -2.98 10.49
N THR A 1 -15.65 -9.25 -9.68
CA THR A 1 -16.32 -8.42 -8.68
C THR A 1 -15.97 -6.96 -8.87
N LYS A 2 -16.65 -6.09 -8.12
CA LYS A 2 -16.42 -4.66 -8.20
C LYS A 2 -15.78 -4.14 -6.92
N LEU A 3 -15.78 -4.97 -5.88
CA LEU A 3 -15.19 -4.60 -4.60
C LEU A 3 -14.04 -5.52 -4.25
N THR A 4 -14.01 -6.70 -4.87
CA THR A 4 -12.96 -7.68 -4.62
C THR A 4 -11.67 -7.29 -5.34
N GLU A 5 -11.78 -7.06 -6.64
CA GLU A 5 -10.62 -6.69 -7.45
C GLU A 5 -9.90 -5.49 -6.84
N GLU A 6 -10.62 -4.38 -6.70
CA GLU A 6 -10.05 -3.16 -6.14
C GLU A 6 -9.28 -3.46 -4.86
N GLU A 7 -9.83 -4.35 -4.03
CA GLU A 7 -9.19 -4.72 -2.78
C GLU A 7 -7.89 -5.47 -3.04
N LYS A 8 -7.91 -6.38 -4.01
CA LYS A 8 -6.74 -7.17 -4.36
C LYS A 8 -5.68 -6.30 -5.03
N ASN A 9 -6.13 -5.27 -5.75
CA ASN A 9 -5.23 -4.37 -6.44
C ASN A 9 -4.53 -3.43 -5.45
N ARG A 10 -5.34 -2.75 -4.63
CA ARG A 10 -4.80 -1.81 -3.65
C ARG A 10 -3.72 -2.49 -2.81
N LEU A 11 -3.84 -3.79 -2.62
CA LEU A 11 -2.86 -4.55 -1.84
C LEU A 11 -1.50 -4.54 -2.51
N ASN A 12 -1.48 -4.81 -3.81
CA ASN A 12 -0.24 -4.83 -4.58
C ASN A 12 0.27 -3.41 -4.83
N PHE A 13 -0.65 -2.49 -5.06
CA PHE A 13 -0.30 -1.11 -5.31
C PHE A 13 0.29 -0.45 -4.06
N LEU A 14 -0.29 -0.78 -2.90
CA LEU A 14 0.17 -0.22 -1.64
C LEU A 14 1.57 -0.72 -1.31
N LYS A 15 1.75 -2.04 -1.39
CA LYS A 15 3.06 -2.65 -1.11
C LYS A 15 4.08 -2.28 -2.17
N LYS A 16 3.59 -1.96 -3.37
CA LYS A 16 4.47 -1.58 -4.47
C LYS A 16 4.99 -0.16 -4.29
N ILE A 17 4.12 0.73 -3.81
CA ILE A 17 4.51 2.12 -3.59
C ILE A 17 5.18 2.29 -2.23
N SER A 18 4.78 1.47 -1.27
CA SER A 18 5.34 1.54 0.07
C SER A 18 6.87 1.48 0.02
N GLN A 19 7.39 0.61 -0.84
CA GLN A 19 8.84 0.46 -0.98
C GLN A 19 9.50 1.81 -1.23
N ARG A 20 8.77 2.73 -1.83
CA ARG A 20 9.28 4.06 -2.13
C ARG A 20 8.81 5.07 -1.10
N TYR A 21 7.58 4.89 -0.61
CA TYR A 21 7.00 5.78 0.38
C TYR A 21 7.33 5.32 1.79
N GLN A 22 8.60 5.43 2.15
CA GLN A 22 9.05 5.02 3.48
C GLN A 22 10.15 5.96 3.99
N LYS A 23 10.33 7.08 3.32
CA LYS A 23 11.34 8.05 3.70
C LYS A 23 10.74 9.46 3.83
N PHE A 24 9.75 9.74 2.99
CA PHE A 24 9.09 11.04 3.01
C PHE A 24 8.70 11.44 4.43
N ALA A 25 8.31 10.46 5.24
CA ALA A 25 7.93 10.71 6.62
C ALA A 25 7.48 9.43 7.31
N LEU A 26 6.72 8.62 6.59
CA LEU A 26 6.21 7.36 7.14
C LEU A 26 5.34 7.60 8.35
N PRO A 27 4.11 8.10 8.12
CA PRO A 27 3.15 8.38 9.19
C PRO A 27 2.61 7.12 9.84
N GLN A 28 3.46 6.45 10.62
CA GLN A 28 3.07 5.22 11.30
C GLN A 28 4.21 4.70 12.18
N TYR A 29 5.43 4.74 11.65
CA TYR A 29 6.59 4.28 12.39
C TYR A 29 6.47 2.79 12.73
N LEU A 30 5.79 2.50 13.83
CA LEU A 30 5.60 1.13 14.27
C LEU A 30 4.25 0.59 13.80
N LYS A 31 4.20 -0.69 13.46
CA LYS A 31 2.97 -1.32 12.99
C LYS A 31 2.13 -1.79 14.18
N THR A 1 -16.39 -9.29 -9.74
CA THR A 1 -16.99 -8.32 -8.83
C THR A 1 -16.33 -6.96 -8.96
N LYS A 2 -16.70 -6.03 -8.07
CA LYS A 2 -16.14 -4.68 -8.10
C LYS A 2 -15.34 -4.41 -6.83
N LEU A 3 -15.63 -5.16 -5.77
CA LEU A 3 -14.93 -5.00 -4.50
C LEU A 3 -13.70 -5.90 -4.44
N THR A 4 -13.82 -7.11 -4.97
CA THR A 4 -12.72 -8.06 -4.98
C THR A 4 -11.49 -7.47 -5.67
N GLU A 5 -11.69 -6.97 -6.88
CA GLU A 5 -10.59 -6.38 -7.65
C GLU A 5 -9.85 -5.33 -6.81
N GLU A 6 -10.55 -4.25 -6.49
CA GLU A 6 -9.96 -3.17 -5.70
C GLU A 6 -9.34 -3.70 -4.42
N GLU A 7 -10.11 -4.52 -3.70
CA GLU A 7 -9.63 -5.10 -2.45
C GLU A 7 -8.42 -5.99 -2.68
N LYS A 8 -8.19 -6.35 -3.95
CA LYS A 8 -7.06 -7.20 -4.31
C LYS A 8 -5.92 -6.37 -4.88
N ASN A 9 -6.22 -5.11 -5.23
CA ASN A 9 -5.23 -4.22 -5.79
C ASN A 9 -4.62 -3.34 -4.70
N ARG A 10 -5.37 -3.11 -3.63
CA ARG A 10 -4.91 -2.29 -2.53
C ARG A 10 -3.63 -2.86 -1.92
N LEU A 11 -3.42 -4.16 -2.13
CA LEU A 11 -2.23 -4.83 -1.60
C LEU A 11 -1.05 -4.67 -2.55
N ASN A 12 -1.30 -4.86 -3.84
CA ASN A 12 -0.25 -4.73 -4.86
C ASN A 12 0.17 -3.27 -5.01
N PHE A 13 -0.79 -2.36 -4.86
CA PHE A 13 -0.52 -0.94 -4.99
C PHE A 13 0.29 -0.43 -3.80
N LEU A 14 -0.04 -0.93 -2.61
CA LEU A 14 0.65 -0.53 -1.39
C LEU A 14 2.10 -0.97 -1.42
N LYS A 15 2.33 -2.22 -1.82
CA LYS A 15 3.68 -2.77 -1.88
C LYS A 15 4.44 -2.20 -3.07
N LYS A 16 3.70 -1.80 -4.11
CA LYS A 16 4.31 -1.24 -5.30
C LYS A 16 4.80 0.18 -5.04
N ILE A 17 4.12 0.88 -4.13
CA ILE A 17 4.49 2.25 -3.79
C ILE A 17 5.36 2.28 -2.54
N SER A 18 5.14 1.34 -1.64
CA SER A 18 5.89 1.25 -0.40
C SER A 18 7.40 1.18 -0.69
N GLN A 19 7.75 0.62 -1.84
CA GLN A 19 9.15 0.49 -2.23
C GLN A 19 9.81 1.85 -2.34
N ARG A 20 9.02 2.87 -2.69
CA ARG A 20 9.53 4.23 -2.83
C ARG A 20 9.09 5.09 -1.64
N TYR A 21 7.96 4.75 -1.05
CA TYR A 21 7.43 5.50 0.09
C TYR A 21 7.88 4.86 1.40
N GLN A 22 9.13 5.09 1.77
CA GLN A 22 9.67 4.54 3.01
C GLN A 22 10.50 5.58 3.75
N LYS A 23 10.45 6.82 3.27
CA LYS A 23 11.19 7.92 3.89
C LYS A 23 10.27 9.06 4.28
N PHE A 24 9.17 9.20 3.53
CA PHE A 24 8.20 10.25 3.80
C PHE A 24 7.79 10.26 5.26
N ALA A 25 7.79 9.09 5.88
CA ALA A 25 7.43 8.95 7.29
C ALA A 25 7.77 7.57 7.82
N LEU A 26 7.56 6.55 6.98
CA LEU A 26 7.85 5.17 7.36
C LEU A 26 6.96 4.74 8.52
N PRO A 27 5.65 4.62 8.25
CA PRO A 27 4.67 4.20 9.25
C PRO A 27 4.81 2.74 9.64
N GLN A 28 5.68 2.02 8.92
CA GLN A 28 5.92 0.61 9.20
C GLN A 28 6.20 0.38 10.68
N TYR A 29 6.81 1.37 11.32
CA TYR A 29 7.13 1.28 12.74
C TYR A 29 6.22 2.18 13.57
N LEU A 30 5.80 3.28 12.98
CA LEU A 30 4.92 4.23 13.67
C LEU A 30 3.58 3.59 14.01
N LYS A 31 3.31 3.44 15.29
CA LYS A 31 2.06 2.84 15.75
C LYS A 31 1.88 1.45 15.16
N THR A 1 -15.45 -7.98 -12.42
CA THR A 1 -15.62 -8.32 -11.01
C THR A 1 -16.25 -7.16 -10.24
N LYS A 2 -16.29 -7.29 -8.92
CA LYS A 2 -16.86 -6.25 -8.07
C LYS A 2 -16.32 -6.36 -6.65
N LEU A 3 -15.89 -5.23 -6.10
CA LEU A 3 -15.35 -5.20 -4.74
C LEU A 3 -13.95 -5.80 -4.70
N THR A 4 -13.87 -7.09 -4.99
CA THR A 4 -12.60 -7.81 -4.98
C THR A 4 -11.62 -7.19 -5.98
N GLU A 5 -12.14 -6.76 -7.13
CA GLU A 5 -11.32 -6.15 -8.16
C GLU A 5 -10.60 -4.91 -7.63
N GLU A 6 -11.35 -4.05 -6.96
CA GLU A 6 -10.79 -2.82 -6.40
C GLU A 6 -9.92 -3.13 -5.18
N GLU A 7 -10.49 -3.85 -4.22
CA GLU A 7 -9.77 -4.21 -3.00
C GLU A 7 -8.44 -4.87 -3.33
N LYS A 8 -8.44 -5.68 -4.40
CA LYS A 8 -7.23 -6.37 -4.82
C LYS A 8 -6.20 -5.39 -5.38
N ASN A 9 -6.69 -4.32 -6.01
CA ASN A 9 -5.81 -3.30 -6.58
C ASN A 9 -5.03 -2.57 -5.49
N ARG A 10 -5.72 -2.24 -4.41
CA ARG A 10 -5.10 -1.54 -3.29
C ARG A 10 -3.83 -2.26 -2.83
N LEU A 11 -3.89 -3.59 -2.83
CA LEU A 11 -2.74 -4.39 -2.41
C LEU A 11 -1.56 -4.18 -3.36
N ASN A 12 -1.87 -3.92 -4.62
CA ASN A 12 -0.83 -3.71 -5.62
C ASN A 12 -0.35 -2.26 -5.61
N PHE A 13 -1.29 -1.33 -5.47
CA PHE A 13 -0.97 0.09 -5.43
C PHE A 13 -0.16 0.44 -4.19
N LEU A 14 -0.58 -0.10 -3.05
CA LEU A 14 0.11 0.15 -1.78
C LEU A 14 1.53 -0.39 -1.83
N LYS A 15 1.69 -1.61 -2.34
CA LYS A 15 3.00 -2.23 -2.43
C LYS A 15 3.83 -1.57 -3.52
N LYS A 16 3.17 -1.11 -4.57
CA LYS A 16 3.85 -0.46 -5.69
C LYS A 16 4.43 0.89 -5.27
N ILE A 17 3.71 1.58 -4.38
CA ILE A 17 4.14 2.88 -3.90
C ILE A 17 5.03 2.73 -2.66
N SER A 18 4.78 1.69 -1.88
CA SER A 18 5.55 1.43 -0.66
C SER A 18 7.03 1.30 -0.98
N GLN A 19 7.34 0.91 -2.21
CA GLN A 19 8.72 0.75 -2.65
C GLN A 19 9.49 2.06 -2.54
N ARG A 20 8.78 3.16 -2.74
CA ARG A 20 9.38 4.49 -2.67
C ARG A 20 8.97 5.22 -1.40
N TYR A 21 7.76 4.92 -0.93
CA TYR A 21 7.23 5.54 0.28
C TYR A 21 7.64 4.77 1.52
N GLN A 22 8.96 4.68 1.75
CA GLN A 22 9.48 3.96 2.91
C GLN A 22 10.40 4.85 3.73
N LYS A 23 10.58 6.09 3.28
CA LYS A 23 11.44 7.05 3.97
C LYS A 23 10.67 8.31 4.31
N PHE A 24 9.42 8.39 3.87
CA PHE A 24 8.59 9.55 4.13
C PHE A 24 8.25 9.66 5.62
N ALA A 25 8.12 8.51 6.28
CA ALA A 25 7.80 8.46 7.69
C ALA A 25 7.73 7.03 8.20
N LEU A 26 7.26 6.13 7.35
CA LEU A 26 7.14 4.72 7.70
C LEU A 26 6.38 4.56 9.02
N PRO A 27 5.04 4.60 8.95
CA PRO A 27 4.18 4.46 10.12
C PRO A 27 4.20 3.05 10.69
N GLN A 28 5.26 2.71 11.42
CA GLN A 28 5.40 1.40 12.02
C GLN A 28 6.32 1.44 13.23
N TYR A 29 7.44 2.14 13.08
CA TYR A 29 8.40 2.26 14.17
C TYR A 29 8.09 3.46 15.06
N LEU A 30 7.45 4.46 14.47
CA LEU A 30 7.08 5.67 15.21
C LEU A 30 6.30 5.32 16.47
N LYS A 31 5.21 4.59 16.30
CA LYS A 31 4.37 4.18 17.42
C LYS A 31 4.99 3.00 18.17
N THR A 1 -16.08 -8.75 -9.38
CA THR A 1 -16.19 -8.27 -8.01
C THR A 1 -15.85 -6.78 -7.92
N LYS A 2 -16.38 -6.11 -6.92
CA LYS A 2 -16.14 -4.69 -6.72
C LYS A 2 -15.33 -4.44 -5.45
N LEU A 3 -15.37 -5.40 -4.53
CA LEU A 3 -14.63 -5.30 -3.27
C LEU A 3 -13.32 -6.09 -3.34
N THR A 4 -13.42 -7.34 -3.78
CA THR A 4 -12.25 -8.19 -3.89
C THR A 4 -11.14 -7.51 -4.69
N GLU A 5 -11.44 -7.20 -5.95
CA GLU A 5 -10.46 -6.54 -6.82
C GLU A 5 -9.84 -5.34 -6.13
N GLU A 6 -10.69 -4.37 -5.78
CA GLU A 6 -10.22 -3.16 -5.10
C GLU A 6 -9.29 -3.50 -3.94
N GLU A 7 -9.59 -4.60 -3.26
CA GLU A 7 -8.78 -5.04 -2.13
C GLU A 7 -7.49 -5.69 -2.59
N LYS A 8 -7.56 -6.38 -3.73
CA LYS A 8 -6.40 -7.05 -4.29
C LYS A 8 -5.48 -6.05 -5.00
N ASN A 9 -6.01 -4.88 -5.30
CA ASN A 9 -5.24 -3.84 -5.98
C ASN A 9 -4.49 -2.98 -4.97
N ARG A 10 -5.19 -2.56 -3.93
CA ARG A 10 -4.59 -1.73 -2.89
C ARG A 10 -3.29 -2.35 -2.39
N LEU A 11 -3.21 -3.67 -2.40
CA LEU A 11 -2.03 -4.38 -1.95
C LEU A 11 -0.87 -4.18 -2.92
N ASN A 12 -1.16 -4.33 -4.21
CA ASN A 12 -0.13 -4.15 -5.24
C ASN A 12 0.27 -2.70 -5.38
N PHE A 13 -0.71 -1.80 -5.25
CA PHE A 13 -0.46 -0.36 -5.34
C PHE A 13 0.44 0.11 -4.21
N LEU A 14 0.21 -0.42 -3.02
CA LEU A 14 1.01 -0.06 -1.85
C LEU A 14 2.43 -0.60 -1.95
N LYS A 15 2.54 -1.86 -2.37
CA LYS A 15 3.83 -2.51 -2.51
C LYS A 15 4.58 -1.96 -3.73
N LYS A 16 3.84 -1.40 -4.66
CA LYS A 16 4.42 -0.84 -5.88
C LYS A 16 5.00 0.55 -5.61
N ILE A 17 4.31 1.32 -4.77
CA ILE A 17 4.76 2.67 -4.43
C ILE A 17 5.71 2.64 -3.24
N SER A 18 5.53 1.67 -2.36
CA SER A 18 6.37 1.53 -1.18
C SER A 18 7.85 1.51 -1.56
N GLN A 19 8.13 0.96 -2.74
CA GLN A 19 9.51 0.88 -3.23
C GLN A 19 10.16 2.25 -3.25
N ARG A 20 9.38 3.26 -3.61
CA ARG A 20 9.89 4.64 -3.68
C ARG A 20 9.52 5.41 -2.41
N TYR A 21 8.41 5.03 -1.79
CA TYR A 21 7.95 5.70 -0.57
C TYR A 21 8.44 4.95 0.66
N GLN A 22 9.71 5.14 1.00
CA GLN A 22 10.31 4.50 2.17
C GLN A 22 11.18 5.46 2.94
N LYS A 23 11.13 6.74 2.56
CA LYS A 23 11.93 7.77 3.22
C LYS A 23 11.04 8.91 3.71
N PHE A 24 9.93 9.12 3.03
CA PHE A 24 8.99 10.17 3.40
C PHE A 24 8.68 10.13 4.90
N ALA A 25 8.61 8.91 5.44
CA ALA A 25 8.32 8.71 6.85
C ALA A 25 8.31 7.23 7.21
N LEU A 26 7.84 6.41 6.28
CA LEU A 26 7.77 4.97 6.50
C LEU A 26 7.04 4.66 7.80
N PRO A 27 5.73 4.94 7.83
CA PRO A 27 4.90 4.70 9.01
C PRO A 27 4.67 3.21 9.27
N GLN A 28 5.68 2.56 9.83
CA GLN A 28 5.59 1.14 10.12
C GLN A 28 5.91 0.86 11.59
N TYR A 29 5.79 1.89 12.41
CA TYR A 29 6.07 1.76 13.84
C TYR A 29 4.77 1.64 14.64
N LEU A 30 3.84 2.54 14.37
CA LEU A 30 2.56 2.54 15.07
C LEU A 30 1.40 2.45 14.07
N LYS A 31 0.26 1.96 14.54
CA LYS A 31 -0.91 1.81 13.70
C LYS A 31 -0.60 1.00 12.45
N THR A 1 -15.99 -10.10 -10.59
CA THR A 1 -16.40 -9.51 -9.33
C THR A 1 -16.22 -7.99 -9.34
N LYS A 2 -16.75 -7.34 -8.32
CA LYS A 2 -16.65 -5.88 -8.22
C LYS A 2 -15.75 -5.48 -7.05
N LEU A 3 -15.59 -6.39 -6.09
CA LEU A 3 -14.76 -6.14 -4.92
C LEU A 3 -13.39 -6.78 -5.09
N THR A 4 -13.36 -7.99 -5.62
CA THR A 4 -12.11 -8.71 -5.83
C THR A 4 -11.12 -7.87 -6.62
N GLU A 5 -11.59 -7.28 -7.72
CA GLU A 5 -10.75 -6.45 -8.56
C GLU A 5 -10.17 -5.29 -7.77
N GLU A 6 -11.05 -4.41 -7.29
CA GLU A 6 -10.63 -3.25 -6.51
C GLU A 6 -9.68 -3.66 -5.39
N GLU A 7 -10.14 -4.58 -4.55
CA GLU A 7 -9.34 -5.06 -3.43
C GLU A 7 -7.98 -5.55 -3.91
N LYS A 8 -7.97 -6.27 -5.03
CA LYS A 8 -6.74 -6.80 -5.59
C LYS A 8 -5.86 -5.68 -6.13
N ASN A 9 -6.46 -4.52 -6.37
CA ASN A 9 -5.72 -3.38 -6.89
C ASN A 9 -5.10 -2.58 -5.75
N ARG A 10 -5.91 -2.27 -4.74
CA ARG A 10 -5.44 -1.51 -3.59
C ARG A 10 -4.29 -2.23 -2.90
N LEU A 11 -4.18 -3.53 -3.14
CA LEU A 11 -3.12 -4.33 -2.54
C LEU A 11 -1.82 -4.22 -3.35
N ASN A 12 -1.94 -4.43 -4.66
CA ASN A 12 -0.78 -4.34 -5.55
C ASN A 12 -0.26 -2.92 -5.64
N PHE A 13 -1.18 -1.96 -5.66
CA PHE A 13 -0.81 -0.55 -5.75
C PHE A 13 -0.06 -0.11 -4.50
N LEU A 14 -0.51 -0.59 -3.35
CA LEU A 14 0.11 -0.25 -2.08
C LEU A 14 1.52 -0.82 -1.98
N LYS A 15 1.65 -2.10 -2.34
CA LYS A 15 2.95 -2.77 -2.30
C LYS A 15 3.86 -2.26 -3.42
N LYS A 16 3.25 -1.72 -4.46
CA LYS A 16 4.00 -1.20 -5.60
C LYS A 16 4.56 0.18 -5.28
N ILE A 17 3.83 0.95 -4.49
CA ILE A 17 4.26 2.29 -4.11
C ILE A 17 5.01 2.28 -2.78
N SER A 18 4.71 1.29 -1.95
CA SER A 18 5.36 1.16 -0.64
C SER A 18 6.87 1.00 -0.80
N GLN A 19 7.28 0.42 -1.93
CA GLN A 19 8.69 0.20 -2.19
C GLN A 19 9.44 1.52 -2.26
N ARG A 20 8.73 2.59 -2.62
CA ARG A 20 9.33 3.91 -2.72
C ARG A 20 8.86 4.81 -1.57
N TYR A 21 7.65 4.55 -1.08
CA TYR A 21 7.09 5.33 0.01
C TYR A 21 7.39 4.68 1.35
N GLN A 22 8.62 4.81 1.81
CA GLN A 22 9.04 4.24 3.08
C GLN A 22 9.92 5.21 3.85
N LYS A 23 10.05 6.44 3.34
CA LYS A 23 10.86 7.45 3.98
C LYS A 23 10.05 8.73 4.21
N PHE A 24 9.04 8.95 3.37
CA PHE A 24 8.19 10.12 3.49
C PHE A 24 7.74 10.33 4.94
N ALA A 25 7.53 9.22 5.65
CA ALA A 25 7.08 9.28 7.04
C ALA A 25 6.90 7.87 7.61
N LEU A 26 6.46 6.95 6.77
CA LEU A 26 6.24 5.57 7.18
C LEU A 26 5.35 5.51 8.42
N PRO A 27 4.08 5.92 8.24
CA PRO A 27 3.09 5.93 9.33
C PRO A 27 2.69 4.51 9.74
N GLN A 28 3.52 3.89 10.57
CA GLN A 28 3.25 2.54 11.04
C GLN A 28 4.35 2.05 11.98
N TYR A 29 4.50 2.75 13.10
CA TYR A 29 5.52 2.39 14.09
C TYR A 29 5.35 3.21 15.37
N LEU A 30 6.14 2.88 16.39
CA LEU A 30 6.07 3.58 17.66
C LEU A 30 7.45 4.12 18.06
N LYS A 31 7.47 4.96 19.09
CA LYS A 31 8.72 5.54 19.57
C LYS A 31 8.54 6.13 20.97
#